data_1JLY
#
_entry.id   1JLY
#
_cell.length_a   111.300
_cell.length_b   99.100
_cell.length_c   66.400
_cell.angle_alpha   90.00
_cell.angle_beta   90.00
_cell.angle_gamma   90.00
#
_symmetry.space_group_name_H-M   'P 21 21 21'
#
loop_
_entity.id
_entity.type
_entity.pdbx_description
1 polymer AGGLUTININ
2 water water
#
_entity_poly.entity_id   1
_entity_poly.type   'polypeptide(L)'
_entity_poly.pdbx_seq_one_letter_code
;(FOR)AGLPVIMCLKSNNHQKYLRYQSDNIQQYGLLQFSADKILDPLAQFEVEPSKTYDGLVHIKSRYTNKYLVRWSPNH
YWITASANEPDENKSNWACTLFKPLYVEEGNMKKVRLLHVQLGHYTQNYTVGGSFVSYLFAESSQIDTGSKDVFHVIDWK
SIFQFPKGYVTFKGNNGKYLGVITINQLPCLQFGYDNLNDPKVAHQMFVTSNGTICIKSNYMNKFWRLSTDDWILVDGND
PRETNEAAALFRSDVHDFNVISLLNMQKTWFIKRFTSGKPGFINCMNAATQNVDETAILEIIELGQNN
;
_entity_poly.pdbx_strand_id   A,B
#
# COMPACT_ATOMS: atom_id res chain seq x y z
N ALA A 2 -20.28 -7.68 4.49
CA ALA A 2 -21.35 -7.28 5.43
C ALA A 2 -21.77 -5.83 5.31
N GLY A 3 -21.83 -5.32 4.08
CA GLY A 3 -22.22 -3.93 3.84
C GLY A 3 -21.03 -3.00 3.72
N LEU A 4 -19.85 -3.55 3.97
CA LEU A 4 -18.62 -2.80 3.90
C LEU A 4 -17.96 -3.01 2.53
N PRO A 5 -17.20 -2.00 2.07
CA PRO A 5 -16.50 -2.06 0.79
C PRO A 5 -15.39 -3.14 0.86
N VAL A 6 -15.04 -3.73 -0.28
CA VAL A 6 -13.98 -4.74 -0.30
C VAL A 6 -12.69 -4.13 0.23
N ILE A 7 -12.39 -2.92 -0.21
CA ILE A 7 -11.21 -2.23 0.21
C ILE A 7 -11.72 -0.91 0.74
N MET A 8 -11.33 -0.55 1.95
CA MET A 8 -11.86 0.66 2.56
C MET A 8 -10.84 1.45 3.34
N CYS A 9 -11.26 2.64 3.73
CA CYS A 9 -10.48 3.57 4.51
C CYS A 9 -11.43 3.97 5.64
N LEU A 10 -10.93 4.15 6.85
CA LEU A 10 -11.79 4.51 7.98
C LEU A 10 -11.35 5.83 8.55
N LYS A 11 -12.31 6.73 8.72
CA LYS A 11 -12.02 8.06 9.26
C LYS A 11 -12.62 8.23 10.64
N SER A 12 -11.88 8.87 11.53
CA SER A 12 -12.37 9.12 12.88
C SER A 12 -12.93 10.53 12.99
N ASN A 13 -14.23 10.60 13.23
CA ASN A 13 -14.94 11.88 13.39
C ASN A 13 -14.37 12.68 14.55
N ASN A 14 -13.92 11.96 15.56
CA ASN A 14 -13.35 12.57 16.75
C ASN A 14 -12.19 13.52 16.46
N HIS A 15 -11.44 13.30 15.38
CA HIS A 15 -10.35 14.21 15.07
C HIS A 15 -9.97 14.31 13.60
N GLN A 16 -10.86 13.79 12.75
CA GLN A 16 -10.71 13.85 11.30
C GLN A 16 -9.53 13.15 10.60
N LYS A 17 -8.92 12.16 11.24
CA LYS A 17 -7.82 11.49 10.56
C LYS A 17 -8.24 10.11 10.13
N TYR A 18 -7.50 9.56 9.17
CA TYR A 18 -7.72 8.22 8.64
C TYR A 18 -6.83 7.22 9.34
N LEU A 19 -7.37 6.03 9.54
CA LEU A 19 -6.65 4.96 10.22
C LEU A 19 -5.57 4.51 9.27
N ARG A 20 -4.35 4.32 9.77
CA ARG A 20 -3.21 3.88 8.96
C ARG A 20 -2.32 2.97 9.78
N TYR A 21 -1.66 2.05 9.11
CA TYR A 21 -0.72 1.14 9.77
C TYR A 21 0.44 1.99 10.35
N GLN A 22 0.89 1.68 11.56
CA GLN A 22 2.01 2.39 12.19
C GLN A 22 3.31 1.68 11.79
N SER A 23 4.05 2.28 10.87
CA SER A 23 5.29 1.68 10.37
C SER A 23 6.58 2.15 11.00
N ASP A 24 6.52 3.19 11.83
CA ASP A 24 7.70 3.70 12.50
C ASP A 24 8.24 2.60 13.38
N ASN A 25 9.54 2.64 13.66
CA ASN A 25 10.19 1.65 14.50
C ASN A 25 10.08 2.09 15.95
N ILE A 26 8.86 2.03 16.46
CA ILE A 26 8.57 2.42 17.83
C ILE A 26 7.75 1.34 18.52
N GLN A 27 7.58 1.49 19.82
CA GLN A 27 6.80 0.52 20.60
C GLN A 27 5.47 0.15 19.92
N GLN A 28 4.85 1.13 19.27
CA GLN A 28 3.55 0.94 18.60
C GLN A 28 3.59 0.42 17.19
N TYR A 29 4.77 0.02 16.71
CA TYR A 29 4.90 -0.54 15.38
C TYR A 29 3.82 -1.65 15.15
N GLY A 30 3.14 -1.62 14.00
CA GLY A 30 2.15 -2.64 13.75
C GLY A 30 0.77 -2.24 14.21
N LEU A 31 0.68 -1.36 15.20
CA LEU A 31 -0.64 -0.93 15.69
C LEU A 31 -1.28 0.02 14.65
N LEU A 32 -2.58 0.27 14.79
CA LEU A 32 -3.29 1.12 13.84
C LEU A 32 -3.61 2.51 14.43
N GLN A 33 -3.09 3.55 13.80
CA GLN A 33 -3.26 4.90 14.30
C GLN A 33 -4.10 5.82 13.41
N PHE A 34 -4.97 6.58 14.06
CA PHE A 34 -5.80 7.55 13.38
C PHE A 34 -4.92 8.78 13.19
N SER A 35 -4.07 8.73 12.18
CA SER A 35 -3.19 9.85 11.92
C SER A 35 -2.91 10.17 10.46
N ALA A 36 -3.55 9.47 9.52
CA ALA A 36 -3.28 9.78 8.10
C ALA A 36 -4.03 11.04 7.76
N ASP A 37 -3.37 12.05 7.23
CA ASP A 37 -4.08 13.28 6.85
C ASP A 37 -4.94 13.09 5.60
N LYS A 38 -4.39 12.37 4.63
CA LYS A 38 -5.03 12.15 3.35
C LYS A 38 -5.49 10.72 3.22
N ILE A 39 -6.57 10.54 2.49
CA ILE A 39 -7.08 9.22 2.24
C ILE A 39 -6.11 8.50 1.30
N LEU A 40 -5.31 9.27 0.55
CA LEU A 40 -4.34 8.71 -0.40
C LEU A 40 -3.10 8.11 0.25
N ASP A 41 -2.98 8.26 1.56
CA ASP A 41 -1.87 7.67 2.29
C ASP A 41 -1.80 6.18 1.93
N PRO A 42 -0.64 5.70 1.42
CA PRO A 42 -0.55 4.27 1.07
C PRO A 42 -0.65 3.27 2.23
N LEU A 43 -0.70 3.77 3.46
CA LEU A 43 -0.80 2.90 4.62
C LEU A 43 -2.23 2.89 5.19
N ALA A 44 -3.16 3.58 4.52
CA ALA A 44 -4.53 3.68 5.04
C ALA A 44 -5.57 2.79 4.41
N GLN A 45 -5.15 1.84 3.61
CA GLN A 45 -6.11 0.96 2.98
C GLN A 45 -6.22 -0.38 3.70
N PHE A 46 -7.47 -0.84 3.82
CA PHE A 46 -7.80 -2.09 4.49
C PHE A 46 -8.74 -2.89 3.66
N GLU A 47 -8.55 -4.20 3.65
CA GLU A 47 -9.42 -5.06 2.87
C GLU A 47 -10.34 -5.83 3.81
N VAL A 48 -11.59 -5.97 3.42
CA VAL A 48 -12.57 -6.66 4.22
C VAL A 48 -12.79 -8.00 3.60
N GLU A 49 -12.92 -9.00 4.45
CA GLU A 49 -13.09 -10.35 3.99
C GLU A 49 -14.15 -11.04 4.83
N PRO A 50 -15.30 -11.36 4.22
CA PRO A 50 -16.44 -12.03 4.84
C PRO A 50 -16.13 -13.36 5.51
N SER A 51 -16.82 -13.62 6.63
CA SER A 51 -16.62 -14.84 7.40
C SER A 51 -17.13 -16.06 6.67
N LYS A 52 -16.37 -17.14 6.77
CA LYS A 52 -16.73 -18.41 6.15
C LYS A 52 -17.95 -19.03 6.83
N THR A 53 -17.93 -19.01 8.16
CA THR A 53 -18.97 -19.62 8.97
C THR A 53 -20.10 -18.72 9.49
N TYR A 54 -19.75 -17.53 9.97
CA TYR A 54 -20.75 -16.66 10.55
C TYR A 54 -21.27 -15.57 9.64
N ASP A 55 -22.57 -15.63 9.40
CA ASP A 55 -23.23 -14.65 8.57
C ASP A 55 -23.08 -13.30 9.29
N GLY A 56 -22.60 -12.29 8.57
CA GLY A 56 -22.44 -10.97 9.18
C GLY A 56 -21.13 -10.62 9.85
N LEU A 57 -20.32 -11.63 10.19
CA LEU A 57 -19.02 -11.37 10.80
C LEU A 57 -18.03 -11.18 9.64
N VAL A 58 -16.97 -10.45 9.88
CA VAL A 58 -16.02 -10.09 8.82
C VAL A 58 -14.56 -10.19 9.32
N HIS A 59 -13.61 -10.36 8.42
CA HIS A 59 -12.20 -10.37 8.80
C HIS A 59 -11.67 -9.14 8.09
N ILE A 60 -10.70 -8.46 8.68
CA ILE A 60 -10.14 -7.26 8.05
C ILE A 60 -8.60 -7.35 8.02
N LYS A 61 -7.97 -6.95 6.91
CA LYS A 61 -6.51 -6.94 6.82
C LYS A 61 -5.92 -5.66 6.27
N SER A 62 -4.69 -5.37 6.66
CA SER A 62 -4.03 -4.21 6.11
C SER A 62 -3.70 -4.59 4.66
N ARG A 63 -3.91 -3.67 3.72
CA ARG A 63 -3.57 -3.93 2.31
C ARG A 63 -2.01 -3.95 2.18
N TYR A 64 -1.34 -3.10 2.93
CA TYR A 64 0.12 -3.04 2.91
C TYR A 64 0.71 -4.39 3.31
N THR A 65 0.55 -4.80 4.57
CA THR A 65 1.10 -6.07 5.03
C THR A 65 0.35 -7.32 4.63
N ASN A 66 -0.91 -7.16 4.24
CA ASN A 66 -1.78 -8.28 3.88
C ASN A 66 -1.99 -9.22 5.09
N LYS A 67 -1.93 -8.66 6.28
CA LYS A 67 -2.11 -9.43 7.51
C LYS A 67 -3.33 -8.93 8.24
N TYR A 68 -4.04 -9.85 8.89
CA TYR A 68 -5.29 -9.61 9.63
C TYR A 68 -5.17 -8.83 10.91
N LEU A 69 -6.21 -8.06 11.23
CA LEU A 69 -6.25 -7.28 12.47
C LEU A 69 -6.52 -8.29 13.61
N VAL A 70 -5.79 -8.20 14.70
CA VAL A 70 -5.92 -9.16 15.79
C VAL A 70 -5.47 -8.47 17.06
N ARG A 71 -5.75 -9.01 18.24
CA ARG A 71 -5.27 -8.35 19.46
C ARG A 71 -3.76 -8.49 19.54
N TRP A 72 -3.10 -7.52 20.15
CA TRP A 72 -1.64 -7.51 20.28
C TRP A 72 -1.14 -8.77 21.00
N SER A 73 -1.90 -9.25 21.99
CA SER A 73 -1.50 -10.44 22.76
C SER A 73 -2.62 -10.85 23.68
N PRO A 74 -2.42 -11.92 24.44
CA PRO A 74 -3.47 -12.38 25.37
C PRO A 74 -3.83 -11.35 26.42
N ASN A 75 -2.94 -10.42 26.67
CA ASN A 75 -3.15 -9.41 27.68
C ASN A 75 -3.58 -8.04 27.18
N HIS A 76 -3.62 -7.79 25.88
CA HIS A 76 -3.96 -6.44 25.44
C HIS A 76 -5.19 -6.29 24.61
N TYR A 77 -5.71 -5.08 24.58
CA TYR A 77 -6.88 -4.78 23.80
C TYR A 77 -6.50 -3.97 22.56
N TRP A 78 -5.22 -3.65 22.38
CA TRP A 78 -4.76 -2.91 21.21
C TRP A 78 -4.86 -3.84 20.03
N ILE A 79 -5.22 -3.30 18.87
CA ILE A 79 -5.42 -4.09 17.66
C ILE A 79 -4.21 -3.88 16.75
N THR A 80 -3.68 -5.00 16.24
CA THR A 80 -2.51 -5.00 15.37
C THR A 80 -2.88 -5.72 14.05
N ALA A 81 -2.39 -5.21 12.91
CA ALA A 81 -2.67 -5.82 11.61
C ALA A 81 -1.50 -6.76 11.38
N SER A 82 -1.49 -7.88 12.10
CA SER A 82 -0.38 -8.84 12.06
C SER A 82 -0.66 -10.30 12.01
N ALA A 83 -1.91 -10.72 12.01
CA ALA A 83 -2.21 -12.15 11.98
C ALA A 83 -1.98 -12.71 10.58
N ASN A 84 -1.25 -13.82 10.49
CA ASN A 84 -0.94 -14.45 9.22
C ASN A 84 -2.19 -15.08 8.66
N GLU A 85 -3.11 -15.48 9.52
CA GLU A 85 -4.34 -16.04 9.00
C GLU A 85 -5.56 -15.84 9.88
N PRO A 86 -6.74 -15.90 9.26
CA PRO A 86 -7.98 -15.73 10.01
C PRO A 86 -8.18 -16.79 11.09
N ASP A 87 -8.96 -16.41 12.09
CA ASP A 87 -9.28 -17.28 13.21
C ASP A 87 -10.73 -17.01 13.52
N GLU A 88 -11.57 -18.00 13.33
CA GLU A 88 -13.00 -17.87 13.59
C GLU A 88 -13.46 -18.51 14.90
N ASN A 89 -12.50 -18.84 15.76
CA ASN A 89 -12.83 -19.43 17.06
C ASN A 89 -13.04 -18.28 18.01
N LYS A 90 -14.29 -18.07 18.39
CA LYS A 90 -14.71 -16.98 19.25
C LYS A 90 -14.12 -16.97 20.64
N SER A 91 -13.62 -18.12 21.08
CA SER A 91 -13.02 -18.24 22.40
C SER A 91 -11.51 -17.97 22.42
N ASN A 92 -10.91 -17.83 21.24
CA ASN A 92 -9.49 -17.62 21.13
C ASN A 92 -9.21 -16.11 21.24
N TRP A 93 -8.27 -15.69 22.09
CA TRP A 93 -7.93 -14.28 22.21
C TRP A 93 -7.50 -13.73 20.84
N ALA A 94 -7.07 -14.62 19.96
CA ALA A 94 -6.61 -14.23 18.64
C ALA A 94 -7.69 -14.36 17.59
N CYS A 95 -8.95 -14.48 18.01
CA CYS A 95 -10.03 -14.55 17.06
C CYS A 95 -9.91 -13.27 16.27
N THR A 96 -10.05 -13.35 14.94
CA THR A 96 -9.95 -12.17 14.08
C THR A 96 -11.31 -11.60 13.59
N LEU A 97 -12.41 -12.17 14.06
CA LEU A 97 -13.72 -11.72 13.65
C LEU A 97 -14.18 -10.37 14.25
N PHE A 98 -14.70 -9.50 13.39
CA PHE A 98 -15.24 -8.20 13.79
C PHE A 98 -16.69 -8.18 13.34
N LYS A 99 -17.47 -7.27 13.86
CA LYS A 99 -18.86 -7.18 13.47
C LYS A 99 -19.20 -5.74 13.28
N PRO A 100 -19.47 -5.34 12.03
CA PRO A 100 -19.82 -3.95 11.76
C PRO A 100 -21.27 -3.64 12.22
N LEU A 101 -21.44 -2.58 12.98
CA LEU A 101 -22.76 -2.20 13.45
C LEU A 101 -22.92 -0.78 12.98
N TYR A 102 -23.91 -0.55 12.12
CA TYR A 102 -24.16 0.80 11.58
C TYR A 102 -24.84 1.72 12.57
N VAL A 103 -24.29 2.93 12.70
CA VAL A 103 -24.78 3.91 13.64
C VAL A 103 -26.23 4.29 13.33
N GLU A 104 -26.54 4.50 12.06
CA GLU A 104 -27.90 4.84 11.67
C GLU A 104 -28.40 3.94 10.56
N GLU A 105 -29.61 3.45 10.74
CA GLU A 105 -30.29 2.55 9.81
C GLU A 105 -30.28 3.04 8.38
N GLY A 106 -29.83 2.17 7.49
CA GLY A 106 -29.75 2.48 6.08
C GLY A 106 -28.46 3.17 5.64
N ASN A 107 -27.78 3.81 6.59
CA ASN A 107 -26.51 4.50 6.31
C ASN A 107 -25.35 3.53 6.49
N MET A 108 -24.70 3.20 5.38
CA MET A 108 -23.58 2.27 5.37
C MET A 108 -22.22 2.89 5.55
N LYS A 109 -22.15 4.21 5.72
CA LYS A 109 -20.88 4.92 5.86
C LYS A 109 -20.53 5.37 7.27
N LYS A 110 -21.34 4.94 8.25
CA LYS A 110 -21.13 5.26 9.65
C LYS A 110 -21.24 3.94 10.38
N VAL A 111 -20.15 3.49 10.98
CA VAL A 111 -20.17 2.22 11.70
C VAL A 111 -19.37 2.24 13.00
N ARG A 112 -19.65 1.22 13.79
CA ARG A 112 -18.96 0.94 15.03
C ARG A 112 -18.54 -0.49 14.71
N LEU A 113 -17.29 -0.82 15.04
CA LEU A 113 -16.75 -2.14 14.76
C LEU A 113 -16.52 -2.87 16.07
N LEU A 114 -17.27 -3.96 16.27
CA LEU A 114 -17.18 -4.76 17.48
C LEU A 114 -16.16 -5.89 17.33
N HIS A 115 -15.25 -6.04 18.28
CA HIS A 115 -14.28 -7.13 18.25
C HIS A 115 -15.11 -8.25 18.81
N VAL A 116 -15.29 -9.30 18.04
CA VAL A 116 -16.16 -10.40 18.47
C VAL A 116 -15.79 -11.17 19.72
N GLN A 117 -14.56 -11.69 19.77
CA GLN A 117 -14.11 -12.46 20.91
C GLN A 117 -14.31 -11.73 22.26
N LEU A 118 -13.98 -10.46 22.30
CA LEU A 118 -14.07 -9.66 23.52
C LEU A 118 -15.47 -9.07 23.71
N GLY A 119 -16.14 -8.82 22.59
CA GLY A 119 -17.44 -8.18 22.60
C GLY A 119 -17.25 -6.71 22.91
N HIS A 120 -16.07 -6.18 22.61
CA HIS A 120 -15.77 -4.76 22.83
C HIS A 120 -15.79 -3.89 21.56
N TYR A 121 -16.33 -2.68 21.66
CA TYR A 121 -16.34 -1.75 20.53
C TYR A 121 -14.92 -1.24 20.44
N THR A 122 -14.43 -1.01 19.23
CA THR A 122 -13.10 -0.45 19.04
C THR A 122 -13.22 1.09 19.06
N GLN A 123 -12.21 1.78 19.55
CA GLN A 123 -12.24 3.25 19.63
C GLN A 123 -10.94 3.86 19.17
N ASN A 124 -10.99 5.14 18.83
CA ASN A 124 -9.80 5.88 18.49
C ASN A 124 -9.41 6.23 19.92
N TYR A 125 -8.59 5.39 20.52
CA TYR A 125 -8.21 5.54 21.91
C TYR A 125 -6.85 6.12 22.25
N THR A 126 -6.81 6.96 23.28
CA THR A 126 -5.58 7.58 23.73
C THR A 126 -5.38 7.31 25.21
N VAL A 127 -4.19 6.85 25.56
CA VAL A 127 -3.86 6.56 26.95
C VAL A 127 -2.96 7.67 27.44
N GLY A 128 -1.69 7.67 27.03
CA GLY A 128 -0.82 8.73 27.49
C GLY A 128 0.50 8.76 26.78
N GLY A 129 0.93 9.98 26.48
CA GLY A 129 2.21 10.18 25.81
C GLY A 129 2.39 9.53 24.44
N SER A 130 2.67 8.23 24.42
CA SER A 130 2.89 7.54 23.16
C SER A 130 1.66 6.82 22.62
N PHE A 131 0.80 6.29 23.48
CA PHE A 131 -0.41 5.62 23.02
C PHE A 131 -1.51 6.65 22.70
N VAL A 132 -1.26 7.45 21.68
CA VAL A 132 -2.20 8.48 21.26
C VAL A 132 -2.93 8.13 19.96
N SER A 133 -4.25 8.06 20.04
CA SER A 133 -5.09 7.79 18.88
C SER A 133 -4.96 6.42 18.24
N TYR A 134 -4.86 5.36 19.03
CA TYR A 134 -4.73 4.01 18.46
C TYR A 134 -6.02 3.23 18.59
N LEU A 135 -6.24 2.33 17.65
CA LEU A 135 -7.43 1.49 17.65
C LEU A 135 -7.31 0.55 18.85
N PHE A 136 -8.32 0.57 19.71
CA PHE A 136 -8.29 -0.21 20.93
C PHE A 136 -9.67 -0.78 21.26
N ALA A 137 -9.81 -2.08 21.53
CA ALA A 137 -11.14 -2.64 21.89
C ALA A 137 -11.50 -2.37 23.35
N GLU A 138 -12.00 -1.17 23.61
CA GLU A 138 -12.33 -0.68 24.95
C GLU A 138 -13.25 -1.50 25.86
N SER A 139 -14.53 -1.57 25.52
CA SER A 139 -15.48 -2.31 26.36
C SER A 139 -16.76 -2.59 25.58
N SER A 140 -17.76 -3.10 26.29
CA SER A 140 -19.07 -3.42 25.72
C SER A 140 -20.01 -2.21 25.74
N GLN A 141 -19.52 -1.08 26.23
CA GLN A 141 -20.32 0.14 26.26
C GLN A 141 -19.95 1.05 25.10
N ILE A 142 -20.99 1.63 24.51
CA ILE A 142 -20.89 2.60 23.43
C ILE A 142 -20.21 3.79 24.11
N ASP A 143 -19.40 4.53 23.38
CA ASP A 143 -18.66 5.68 23.93
C ASP A 143 -19.43 7.00 24.04
N THR A 144 -19.35 7.62 25.21
CA THR A 144 -20.02 8.90 25.42
C THR A 144 -19.43 9.94 24.46
N GLY A 145 -18.11 9.89 24.27
CA GLY A 145 -17.43 10.84 23.38
C GLY A 145 -17.39 10.54 21.88
N SER A 146 -18.11 9.50 21.47
CA SER A 146 -18.21 9.05 20.08
C SER A 146 -16.91 8.66 19.36
N LYS A 147 -15.95 8.22 20.15
CA LYS A 147 -14.67 7.81 19.64
C LYS A 147 -14.72 6.44 19.02
N ASP A 148 -15.90 5.82 19.05
CA ASP A 148 -16.09 4.50 18.47
C ASP A 148 -16.90 4.50 17.15
N VAL A 149 -17.17 5.69 16.62
CA VAL A 149 -17.95 5.81 15.39
C VAL A 149 -16.97 6.15 14.26
N PHE A 150 -16.99 5.36 13.18
CA PHE A 150 -16.10 5.62 12.05
C PHE A 150 -16.85 5.90 10.74
N HIS A 151 -16.23 6.69 9.85
CA HIS A 151 -16.80 6.96 8.52
C HIS A 151 -16.08 6.03 7.58
N VAL A 152 -16.85 5.20 6.91
CA VAL A 152 -16.35 4.22 5.96
C VAL A 152 -16.22 4.90 4.60
N ILE A 153 -15.11 4.63 3.91
CA ILE A 153 -14.82 5.18 2.58
C ILE A 153 -14.39 4.10 1.61
N ASP A 154 -15.11 3.94 0.50
CA ASP A 154 -14.77 2.92 -0.49
C ASP A 154 -13.56 3.41 -1.28
N TRP A 155 -12.44 2.72 -1.15
CA TRP A 155 -11.21 3.09 -1.84
C TRP A 155 -11.42 3.16 -3.36
N LYS A 156 -12.19 2.24 -3.89
CA LYS A 156 -12.47 2.18 -5.31
C LYS A 156 -13.11 3.46 -5.89
N SER A 157 -14.06 4.05 -5.17
CA SER A 157 -14.77 5.26 -5.59
C SER A 157 -13.96 6.56 -5.74
N ILE A 158 -12.84 6.67 -5.03
CA ILE A 158 -11.99 7.86 -5.12
C ILE A 158 -11.50 8.02 -6.59
N PHE A 159 -11.37 6.90 -7.29
CA PHE A 159 -10.93 6.85 -8.68
C PHE A 159 -12.08 6.69 -9.71
N GLN A 160 -13.31 6.97 -9.28
CA GLN A 160 -14.48 6.87 -10.15
C GLN A 160 -15.14 8.22 -10.24
N PHE A 161 -15.70 8.51 -11.40
CA PHE A 161 -16.33 9.81 -11.61
C PHE A 161 -17.81 9.68 -11.88
N PRO A 162 -18.56 10.77 -11.62
CA PRO A 162 -20.00 10.73 -11.87
C PRO A 162 -20.32 10.88 -13.36
N LYS A 163 -20.83 9.84 -13.98
CA LYS A 163 -21.20 10.01 -15.39
C LYS A 163 -22.61 10.52 -15.25
N GLY A 164 -22.85 11.64 -15.90
CA GLY A 164 -24.13 12.32 -15.87
C GLY A 164 -23.58 13.70 -15.95
N TYR A 165 -24.42 14.68 -16.22
CA TYR A 165 -23.92 16.02 -16.35
C TYR A 165 -23.10 16.44 -15.14
N VAL A 166 -21.93 17.00 -15.45
CA VAL A 166 -20.98 17.51 -14.47
C VAL A 166 -20.41 18.72 -15.17
N THR A 167 -19.79 19.60 -14.41
CA THR A 167 -19.11 20.73 -15.00
C THR A 167 -17.82 20.77 -14.19
N PHE A 168 -16.94 21.72 -14.46
CA PHE A 168 -15.68 21.79 -13.72
C PHE A 168 -15.50 23.21 -13.21
N LYS A 169 -15.02 23.35 -11.98
CA LYS A 169 -14.80 24.66 -11.40
C LYS A 169 -13.30 24.90 -11.37
N GLY A 170 -12.85 26.00 -11.95
CA GLY A 170 -11.42 26.35 -11.99
C GLY A 170 -10.98 27.11 -10.76
N ASN A 171 -9.68 27.35 -10.63
CA ASN A 171 -9.21 28.03 -9.42
C ASN A 171 -9.59 29.51 -9.31
N ASN A 172 -10.26 30.05 -10.34
CA ASN A 172 -10.69 31.44 -10.33
C ASN A 172 -12.15 31.53 -9.94
N GLY A 173 -12.73 30.40 -9.53
CA GLY A 173 -14.11 30.40 -9.14
C GLY A 173 -15.13 30.22 -10.24
N LYS A 174 -14.73 30.23 -11.51
CA LYS A 174 -15.70 30.08 -12.61
C LYS A 174 -15.87 28.65 -13.11
N TYR A 175 -17.01 28.39 -13.75
CA TYR A 175 -17.31 27.06 -14.31
C TYR A 175 -16.83 26.99 -15.76
N LEU A 176 -16.53 25.78 -16.23
CA LEU A 176 -16.00 25.58 -17.59
C LEU A 176 -17.06 25.40 -18.67
N GLY A 177 -17.14 26.34 -19.61
CA GLY A 177 -18.15 26.24 -20.66
C GLY A 177 -17.62 26.43 -22.07
N VAL A 178 -18.36 25.97 -23.07
CA VAL A 178 -17.94 26.12 -24.46
C VAL A 178 -18.00 27.59 -24.84
N ILE A 179 -17.12 28.00 -25.75
CA ILE A 179 -17.07 29.38 -26.18
C ILE A 179 -16.39 29.41 -27.53
N THR A 180 -16.95 30.13 -28.49
CA THR A 180 -16.34 30.24 -29.81
C THR A 180 -15.46 31.48 -29.86
N ILE A 181 -14.18 31.30 -30.13
CA ILE A 181 -13.24 32.43 -30.21
C ILE A 181 -12.42 32.25 -31.48
N ASN A 182 -12.48 33.23 -32.38
CA ASN A 182 -11.75 33.18 -33.67
C ASN A 182 -12.09 31.89 -34.43
N GLN A 183 -13.39 31.59 -34.51
CA GLN A 183 -13.92 30.38 -35.18
C GLN A 183 -13.55 29.03 -34.50
N LEU A 184 -12.83 29.09 -33.39
CA LEU A 184 -12.40 27.91 -32.65
C LEU A 184 -13.31 27.62 -31.48
N PRO A 185 -13.82 26.38 -31.39
CA PRO A 185 -14.71 26.01 -30.28
C PRO A 185 -13.90 25.69 -29.00
N CYS A 186 -13.63 26.73 -28.22
CA CYS A 186 -12.85 26.65 -26.98
C CYS A 186 -13.65 26.39 -25.71
N LEU A 187 -12.93 26.13 -24.61
CA LEU A 187 -13.49 25.86 -23.28
C LEU A 187 -12.93 26.93 -22.36
N GLN A 188 -13.81 27.71 -21.75
CA GLN A 188 -13.40 28.82 -20.89
C GLN A 188 -13.98 28.81 -19.49
N PHE A 189 -13.15 29.16 -18.52
CA PHE A 189 -13.59 29.25 -17.14
C PHE A 189 -14.06 30.68 -17.02
N GLY A 190 -15.29 30.93 -17.45
CA GLY A 190 -15.85 32.27 -17.37
C GLY A 190 -17.34 32.31 -17.11
N TYR A 191 -17.93 31.17 -16.78
CA TYR A 191 -19.36 31.09 -16.49
C TYR A 191 -19.59 31.12 -15.00
N ASP A 192 -20.65 31.81 -14.58
CA ASP A 192 -20.99 31.94 -13.16
C ASP A 192 -22.11 31.03 -12.72
N ASN A 193 -22.94 30.60 -13.66
CA ASN A 193 -24.11 29.78 -13.36
C ASN A 193 -24.02 28.33 -13.81
N LEU A 194 -24.27 27.42 -12.86
CA LEU A 194 -24.25 25.97 -13.11
C LEU A 194 -25.26 25.49 -14.14
N ASN A 195 -26.32 26.26 -14.33
CA ASN A 195 -27.38 25.88 -15.25
C ASN A 195 -27.23 26.35 -16.70
N ASP A 196 -26.20 27.13 -17.03
CA ASP A 196 -25.99 27.56 -18.40
C ASP A 196 -25.61 26.26 -19.13
N PRO A 197 -26.47 25.79 -20.05
CA PRO A 197 -26.22 24.56 -20.79
C PRO A 197 -24.87 24.48 -21.52
N LYS A 198 -24.19 25.62 -21.69
CA LYS A 198 -22.88 25.63 -22.35
C LYS A 198 -21.79 25.07 -21.40
N VAL A 199 -22.15 24.95 -20.13
CA VAL A 199 -21.26 24.53 -19.06
C VAL A 199 -21.34 23.02 -18.69
N ALA A 200 -22.23 22.29 -19.35
CA ALA A 200 -22.44 20.87 -19.07
C ALA A 200 -21.57 19.90 -19.87
N HIS A 201 -21.00 18.94 -19.17
CA HIS A 201 -20.12 17.95 -19.80
C HIS A 201 -20.45 16.56 -19.32
N GLN A 202 -19.91 15.55 -20.01
CA GLN A 202 -20.12 14.15 -19.68
C GLN A 202 -18.79 13.38 -19.76
N MET A 203 -18.42 12.72 -18.66
CA MET A 203 -17.18 11.96 -18.56
C MET A 203 -17.35 10.47 -18.79
N PHE A 204 -16.59 9.90 -19.72
CA PHE A 204 -16.64 8.47 -19.96
C PHE A 204 -15.28 7.90 -19.54
N VAL A 205 -15.31 6.97 -18.60
CA VAL A 205 -14.11 6.33 -18.10
C VAL A 205 -14.07 4.97 -18.77
N THR A 206 -13.02 4.71 -19.52
CA THR A 206 -12.87 3.44 -20.24
C THR A 206 -12.27 2.35 -19.34
N SER A 207 -12.29 1.10 -19.78
CA SER A 207 -11.76 0.00 -19.00
C SER A 207 -10.24 0.06 -18.78
N ASN A 208 -9.55 0.80 -19.66
CA ASN A 208 -8.10 0.99 -19.59
C ASN A 208 -7.68 2.18 -18.75
N GLY A 209 -8.64 2.88 -18.14
CA GLY A 209 -8.30 4.02 -17.29
C GLY A 209 -8.35 5.38 -17.93
N THR A 210 -8.28 5.46 -19.27
CA THR A 210 -8.35 6.77 -19.94
C THR A 210 -9.79 7.30 -19.89
N ILE A 211 -9.94 8.61 -19.89
CA ILE A 211 -11.24 9.25 -19.83
C ILE A 211 -11.43 10.09 -21.09
N CYS A 212 -12.65 10.10 -21.61
CA CYS A 212 -12.95 11.00 -22.71
C CYS A 212 -14.13 11.85 -22.25
N ILE A 213 -14.16 13.11 -22.66
CA ILE A 213 -15.16 14.04 -22.21
C ILE A 213 -15.92 14.68 -23.36
N LYS A 214 -17.24 14.61 -23.30
CA LYS A 214 -18.11 15.15 -24.31
C LYS A 214 -18.82 16.43 -23.86
N SER A 215 -18.74 17.45 -24.70
CA SER A 215 -19.46 18.68 -24.40
C SER A 215 -20.90 18.43 -24.79
N ASN A 216 -21.75 18.55 -23.80
CA ASN A 216 -23.16 18.39 -23.97
C ASN A 216 -23.76 19.32 -24.99
N TYR A 217 -23.38 20.59 -24.86
CA TYR A 217 -23.86 21.63 -25.72
C TYR A 217 -23.42 21.39 -27.14
N MET A 218 -22.13 21.14 -27.33
CA MET A 218 -21.59 20.94 -28.68
C MET A 218 -21.86 19.53 -29.18
N ASN A 219 -22.06 18.61 -28.27
CA ASN A 219 -22.24 17.21 -28.63
C ASN A 219 -20.97 16.72 -29.40
N LYS A 220 -19.80 17.12 -28.91
CA LYS A 220 -18.51 16.75 -29.49
C LYS A 220 -17.55 16.54 -28.33
N PHE A 221 -16.50 15.76 -28.54
CA PHE A 221 -15.54 15.50 -27.48
C PHE A 221 -14.38 16.50 -27.44
N TRP A 222 -13.83 16.68 -26.23
CA TRP A 222 -12.67 17.56 -25.98
C TRP A 222 -11.51 16.94 -26.76
N ARG A 223 -10.69 17.77 -27.39
CA ARG A 223 -9.59 17.25 -28.16
C ARG A 223 -8.46 18.27 -28.23
N LEU A 224 -7.26 17.85 -27.86
CA LEU A 224 -6.12 18.76 -27.98
C LEU A 224 -6.00 19.06 -29.48
N SER A 225 -5.68 20.29 -29.82
CA SER A 225 -5.57 20.64 -31.21
C SER A 225 -4.70 21.89 -31.38
N THR A 226 -5.09 22.81 -32.25
CA THR A 226 -4.38 24.05 -32.55
C THR A 226 -3.81 24.77 -31.34
N ASP A 227 -2.52 25.09 -31.39
CA ASP A 227 -1.83 25.78 -30.30
C ASP A 227 -2.00 25.15 -28.92
N ASP A 228 -2.32 23.86 -28.91
CA ASP A 228 -2.52 23.12 -27.68
C ASP A 228 -3.74 23.55 -26.86
N TRP A 229 -4.72 24.16 -27.54
CA TRP A 229 -5.95 24.55 -26.88
C TRP A 229 -6.74 23.26 -26.92
N ILE A 230 -7.58 23.06 -25.92
CA ILE A 230 -8.44 21.88 -25.89
C ILE A 230 -9.74 22.36 -26.58
N LEU A 231 -9.92 21.98 -27.84
CA LEU A 231 -11.07 22.39 -28.62
C LEU A 231 -12.18 21.36 -28.53
N VAL A 232 -13.39 21.79 -28.79
CA VAL A 232 -14.52 20.87 -28.71
C VAL A 232 -14.94 20.48 -30.12
N ASP A 233 -14.21 19.54 -30.73
CA ASP A 233 -14.53 19.12 -32.09
C ASP A 233 -14.36 17.63 -32.38
N GLY A 234 -13.97 16.88 -31.36
CA GLY A 234 -13.69 15.49 -31.60
C GLY A 234 -14.78 14.48 -31.76
N ASN A 235 -14.42 13.41 -32.47
CA ASN A 235 -15.29 12.29 -32.68
C ASN A 235 -15.02 11.41 -31.44
N ASP A 236 -15.81 10.35 -31.25
CA ASP A 236 -15.71 9.49 -30.10
C ASP A 236 -14.43 8.71 -30.14
N PRO A 237 -13.45 9.04 -29.27
CA PRO A 237 -12.13 8.39 -29.19
C PRO A 237 -12.16 6.94 -28.73
N ARG A 238 -13.30 6.48 -28.24
CA ARG A 238 -13.44 5.09 -27.82
C ARG A 238 -13.53 4.27 -29.09
N GLU A 239 -13.68 4.97 -30.21
CA GLU A 239 -13.73 4.32 -31.48
C GLU A 239 -12.51 4.67 -32.30
N THR A 240 -12.10 5.94 -32.25
CA THR A 240 -10.96 6.41 -33.00
C THR A 240 -9.62 6.13 -32.32
N ASN A 241 -9.62 5.99 -31.00
CA ASN A 241 -8.40 5.75 -30.23
C ASN A 241 -7.40 6.88 -30.46
N GLU A 242 -7.92 8.07 -30.70
CA GLU A 242 -7.05 9.21 -30.93
C GLU A 242 -6.59 9.75 -29.57
N ALA A 243 -5.29 9.61 -29.29
CA ALA A 243 -4.71 10.03 -28.04
C ALA A 243 -5.00 11.47 -27.72
N ALA A 244 -5.16 12.31 -28.74
CA ALA A 244 -5.44 13.74 -28.48
C ALA A 244 -6.76 13.99 -27.73
N ALA A 245 -7.68 13.03 -27.81
CA ALA A 245 -8.96 13.15 -27.12
C ALA A 245 -9.10 12.23 -25.89
N LEU A 246 -7.98 11.68 -25.44
CA LEU A 246 -7.96 10.82 -24.27
C LEU A 246 -7.20 11.53 -23.16
N PHE A 247 -7.69 11.37 -21.92
CA PHE A 247 -7.08 12.00 -20.74
C PHE A 247 -6.88 10.94 -19.66
N ARG A 248 -5.97 11.20 -18.73
CA ARG A 248 -5.74 10.31 -17.61
C ARG A 248 -5.75 11.26 -16.40
N SER A 249 -6.40 10.90 -15.31
CA SER A 249 -6.41 11.84 -14.18
C SER A 249 -5.45 11.53 -13.05
N ASP A 250 -5.18 12.58 -12.29
CA ASP A 250 -4.35 12.54 -11.10
C ASP A 250 -5.37 13.05 -10.04
N VAL A 251 -5.93 12.15 -9.24
CA VAL A 251 -6.91 12.50 -8.20
C VAL A 251 -6.23 13.08 -6.94
N HIS A 252 -6.65 14.26 -6.49
CA HIS A 252 -6.04 14.86 -5.31
C HIS A 252 -6.89 14.56 -4.09
N ASP A 253 -8.20 14.49 -4.33
CA ASP A 253 -9.18 14.26 -3.30
C ASP A 253 -10.50 13.99 -4.03
N PHE A 254 -11.53 13.55 -3.32
CA PHE A 254 -12.82 13.30 -3.94
C PHE A 254 -13.27 14.53 -4.73
N ASN A 255 -13.43 14.35 -6.05
CA ASN A 255 -13.84 15.42 -6.96
C ASN A 255 -12.85 16.58 -7.15
N VAL A 256 -11.58 16.34 -6.87
CA VAL A 256 -10.55 17.37 -7.07
C VAL A 256 -9.47 16.62 -7.86
N ILE A 257 -9.33 16.98 -9.13
CA ILE A 257 -8.41 16.31 -10.04
C ILE A 257 -7.64 17.21 -10.97
N SER A 258 -6.75 16.58 -11.72
CA SER A 258 -5.92 17.19 -12.76
C SER A 258 -6.00 16.16 -13.89
N LEU A 259 -6.06 16.63 -15.12
CA LEU A 259 -6.20 15.73 -16.26
C LEU A 259 -5.04 15.94 -17.20
N LEU A 260 -4.36 14.86 -17.53
CA LEU A 260 -3.21 14.90 -18.43
C LEU A 260 -3.72 14.55 -19.81
N ASN A 261 -3.42 15.37 -20.81
CA ASN A 261 -3.85 15.05 -22.17
C ASN A 261 -2.84 14.04 -22.73
N MET A 262 -3.36 12.93 -23.26
CA MET A 262 -2.54 11.85 -23.74
C MET A 262 -1.72 12.06 -25.02
N GLN A 263 -1.98 13.12 -25.76
CA GLN A 263 -1.20 13.37 -26.95
C GLN A 263 0.02 14.18 -26.54
N LYS A 264 -0.18 15.23 -25.77
CA LYS A 264 0.97 16.03 -25.35
C LYS A 264 1.57 15.56 -24.00
N THR A 265 0.84 14.70 -23.30
CA THR A 265 1.22 14.20 -21.98
C THR A 265 1.59 15.35 -21.07
N TRP A 266 0.78 16.40 -21.07
CA TRP A 266 0.96 17.57 -20.23
C TRP A 266 -0.41 17.82 -19.62
N PHE A 267 -0.46 18.46 -18.44
CA PHE A 267 -1.73 18.74 -17.79
C PHE A 267 -2.46 19.94 -18.40
N ILE A 268 -3.79 19.85 -18.45
CA ILE A 268 -4.60 20.94 -18.97
C ILE A 268 -4.89 21.92 -17.85
N LYS A 269 -4.99 23.18 -18.21
CA LYS A 269 -5.19 24.21 -17.19
C LYS A 269 -5.79 25.45 -17.79
N ARG A 270 -6.22 26.32 -16.87
CA ARG A 270 -6.76 27.62 -17.18
C ARG A 270 -5.56 28.39 -17.74
N PHE A 271 -5.73 28.98 -18.92
CA PHE A 271 -4.62 29.69 -19.57
C PHE A 271 -5.07 30.92 -20.39
N THR A 272 -4.33 32.00 -20.28
CA THR A 272 -4.57 33.26 -21.02
C THR A 272 -3.29 33.39 -21.84
N SER A 273 -3.39 33.23 -23.15
CA SER A 273 -2.18 33.27 -23.97
C SER A 273 -1.65 34.63 -24.40
N GLY A 274 -2.42 35.69 -24.17
CA GLY A 274 -1.95 37.00 -24.58
C GLY A 274 -2.60 37.37 -25.90
N LYS A 275 -2.71 36.40 -26.80
CA LYS A 275 -3.37 36.62 -28.08
C LYS A 275 -4.80 37.04 -27.70
N PRO A 276 -5.35 38.08 -28.35
CA PRO A 276 -6.71 38.56 -28.04
C PRO A 276 -7.80 37.51 -28.09
N GLY A 277 -8.63 37.52 -27.07
CA GLY A 277 -9.72 36.58 -27.02
C GLY A 277 -9.48 35.33 -26.22
N PHE A 278 -8.24 34.88 -26.14
CA PHE A 278 -7.95 33.69 -25.38
C PHE A 278 -7.62 33.98 -23.92
N ILE A 279 -8.67 34.16 -23.14
CA ILE A 279 -8.53 34.47 -21.74
C ILE A 279 -9.16 33.33 -20.94
N ASN A 280 -8.42 32.76 -19.98
CA ASN A 280 -8.93 31.65 -19.16
C ASN A 280 -9.46 30.46 -19.94
N CYS A 281 -8.74 30.03 -20.97
CA CYS A 281 -9.18 28.91 -21.78
C CYS A 281 -8.39 27.67 -21.49
N MET A 282 -9.00 26.52 -21.68
CA MET A 282 -8.37 25.23 -21.40
C MET A 282 -7.23 24.96 -22.38
N ASN A 283 -6.01 24.80 -21.87
CA ASN A 283 -4.85 24.55 -22.70
C ASN A 283 -3.89 23.58 -22.01
N ALA A 284 -3.26 22.69 -22.78
CA ALA A 284 -2.30 21.71 -22.23
C ALA A 284 -0.97 22.44 -22.07
N ALA A 285 -0.91 23.29 -21.06
CA ALA A 285 0.21 24.19 -20.82
C ALA A 285 1.16 23.99 -19.64
N THR A 286 1.05 22.89 -18.92
CA THR A 286 1.96 22.71 -17.79
C THR A 286 2.41 21.25 -17.71
N GLN A 287 3.71 21.05 -17.61
CA GLN A 287 4.26 19.71 -17.56
C GLN A 287 3.80 18.96 -16.33
N ASN A 288 3.83 19.66 -15.20
CA ASN A 288 3.42 19.12 -13.92
C ASN A 288 2.24 19.94 -13.40
N VAL A 289 1.54 19.40 -12.41
CA VAL A 289 0.36 20.05 -11.84
C VAL A 289 0.64 21.41 -11.20
N ASP A 290 -0.12 22.43 -11.58
CA ASP A 290 0.02 23.74 -10.93
C ASP A 290 -1.38 24.08 -10.43
N GLU A 291 -1.51 25.18 -9.69
CA GLU A 291 -2.81 25.57 -9.14
C GLU A 291 -3.90 25.84 -10.20
N THR A 292 -3.50 26.23 -11.40
CA THR A 292 -4.46 26.48 -12.47
C THR A 292 -4.85 25.18 -13.13
N ALA A 293 -4.21 24.08 -12.70
CA ALA A 293 -4.44 22.73 -13.25
C ALA A 293 -5.34 21.86 -12.39
N ILE A 294 -5.73 22.34 -11.22
CA ILE A 294 -6.62 21.60 -10.34
C ILE A 294 -8.07 21.93 -10.71
N LEU A 295 -8.86 20.90 -10.98
CA LEU A 295 -10.26 21.04 -11.37
C LEU A 295 -11.19 20.38 -10.35
N GLU A 296 -12.22 21.11 -9.95
CA GLU A 296 -13.18 20.54 -9.04
C GLU A 296 -14.40 20.09 -9.84
N ILE A 297 -14.83 18.86 -9.65
CA ILE A 297 -15.97 18.32 -10.36
C ILE A 297 -17.31 18.63 -9.66
N ILE A 298 -18.20 19.36 -10.31
CA ILE A 298 -19.54 19.69 -9.77
C ILE A 298 -20.57 18.82 -10.49
N GLU A 299 -21.32 18.02 -9.74
CA GLU A 299 -22.34 17.17 -10.36
C GLU A 299 -23.52 17.99 -10.79
N LEU A 300 -24.22 17.53 -11.82
CA LEU A 300 -25.38 18.25 -12.34
C LEU A 300 -26.64 17.37 -12.34
N ALA B 2 1.73 -18.27 -13.38
CA ALA B 2 2.89 -18.44 -14.25
C ALA B 2 4.23 -18.55 -13.49
N GLY B 3 4.17 -18.97 -12.23
CA GLY B 3 5.38 -19.10 -11.43
C GLY B 3 5.69 -17.92 -10.52
N LEU B 4 5.13 -16.75 -10.80
CA LEU B 4 5.36 -15.54 -10.00
C LEU B 4 4.60 -15.62 -8.66
N PRO B 5 5.15 -14.97 -7.61
CA PRO B 5 4.45 -15.01 -6.30
C PRO B 5 3.22 -14.11 -6.41
N VAL B 6 2.15 -14.46 -5.70
CA VAL B 6 0.92 -13.67 -5.75
C VAL B 6 1.13 -12.17 -5.50
N ILE B 7 1.94 -11.82 -4.50
CA ILE B 7 2.23 -10.43 -4.22
C ILE B 7 3.75 -10.37 -4.27
N MET B 8 4.28 -9.49 -5.11
CA MET B 8 5.72 -9.37 -5.31
C MET B 8 6.26 -7.96 -5.39
N CYS B 9 7.59 -7.85 -5.34
CA CYS B 9 8.30 -6.60 -5.51
C CYS B 9 9.33 -6.88 -6.60
N LEU B 10 9.53 -5.92 -7.51
CA LEU B 10 10.48 -6.07 -8.60
C LEU B 10 11.71 -5.19 -8.36
N LYS B 11 12.89 -5.77 -8.44
CA LYS B 11 14.12 -5.02 -8.23
C LYS B 11 14.90 -4.94 -9.53
N SER B 12 15.35 -3.74 -9.89
CA SER B 12 16.10 -3.62 -11.11
C SER B 12 17.54 -4.05 -10.92
N ASN B 13 17.91 -5.05 -11.70
CA ASN B 13 19.25 -5.61 -11.74
C ASN B 13 20.17 -4.43 -12.07
N ASN B 14 19.71 -3.63 -13.03
CA ASN B 14 20.39 -2.44 -13.53
C ASN B 14 20.78 -1.42 -12.47
N HIS B 15 19.94 -1.16 -11.47
CA HIS B 15 20.38 -0.18 -10.46
C HIS B 15 19.92 -0.41 -9.03
N GLN B 16 19.50 -1.64 -8.77
CA GLN B 16 19.10 -2.09 -7.45
C GLN B 16 18.03 -1.31 -6.69
N LYS B 17 17.10 -0.72 -7.41
CA LYS B 17 16.02 0.00 -6.76
C LYS B 17 14.78 -0.80 -7.05
N TYR B 18 13.78 -0.68 -6.20
CA TYR B 18 12.55 -1.40 -6.46
C TYR B 18 11.57 -0.55 -7.22
N LEU B 19 10.72 -1.23 -7.97
CA LEU B 19 9.69 -0.61 -8.77
C LEU B 19 8.58 -0.11 -7.85
N ARG B 20 8.19 1.15 -8.01
CA ARG B 20 7.10 1.70 -7.22
C ARG B 20 6.23 2.65 -8.04
N TYR B 21 4.98 2.81 -7.59
CA TYR B 21 4.01 3.68 -8.23
C TYR B 21 4.47 5.11 -7.97
N GLN B 22 4.49 5.94 -9.01
CA GLN B 22 4.90 7.33 -8.90
C GLN B 22 3.66 8.14 -8.47
N SER B 23 3.64 8.57 -7.21
CA SER B 23 2.49 9.29 -6.71
C SER B 23 2.58 10.80 -6.69
N ASP B 24 3.72 11.35 -7.04
CA ASP B 24 3.85 12.80 -7.09
C ASP B 24 2.98 13.38 -8.20
N ASN B 25 2.54 14.62 -8.02
CA ASN B 25 1.69 15.32 -9.00
C ASN B 25 2.58 15.91 -10.09
N ILE B 26 3.17 15.03 -10.88
CA ILE B 26 4.06 15.41 -11.95
C ILE B 26 3.64 14.73 -13.24
N GLN B 27 4.25 15.13 -14.34
CA GLN B 27 3.93 14.54 -15.63
C GLN B 27 3.83 13.03 -15.56
N GLN B 28 4.77 12.42 -14.86
CA GLN B 28 4.83 10.97 -14.75
C GLN B 28 3.98 10.34 -13.66
N TYR B 29 2.92 11.01 -13.20
CA TYR B 29 2.07 10.44 -12.15
C TYR B 29 1.42 9.14 -12.68
N GLY B 30 1.42 8.09 -11.87
CA GLY B 30 0.80 6.85 -12.29
C GLY B 30 1.75 5.88 -12.97
N LEU B 31 2.85 6.39 -13.52
CA LEU B 31 3.85 5.54 -14.16
C LEU B 31 4.60 4.78 -13.05
N LEU B 32 5.45 3.83 -13.43
CA LEU B 32 6.15 2.96 -12.48
C LEU B 32 7.61 3.23 -12.59
N GLN B 33 8.21 3.61 -11.47
CA GLN B 33 9.62 3.98 -11.42
C GLN B 33 10.47 3.15 -10.47
N PHE B 34 11.65 2.77 -10.96
CA PHE B 34 12.59 2.00 -10.17
C PHE B 34 13.33 2.95 -9.28
N SER B 35 12.66 3.41 -8.22
CA SER B 35 13.28 4.38 -7.31
C SER B 35 13.06 4.11 -5.82
N ALA B 36 12.47 2.96 -5.45
CA ALA B 36 12.29 2.68 -4.03
C ALA B 36 13.58 2.05 -3.52
N ASP B 37 14.10 2.56 -2.41
CA ASP B 37 15.33 2.04 -1.82
C ASP B 37 15.17 0.77 -1.01
N LYS B 38 14.00 0.60 -0.40
CA LYS B 38 13.74 -0.56 0.44
C LYS B 38 12.50 -1.24 -0.05
N ILE B 39 12.41 -2.54 0.18
CA ILE B 39 11.25 -3.33 -0.23
C ILE B 39 10.02 -3.01 0.61
N LEU B 40 10.24 -2.38 1.75
CA LEU B 40 9.17 -2.02 2.67
C LEU B 40 8.37 -0.81 2.18
N ASP B 41 8.82 -0.12 1.13
CA ASP B 41 8.10 1.04 0.61
C ASP B 41 6.64 0.62 0.34
N PRO B 42 5.66 1.40 0.83
CA PRO B 42 4.23 1.06 0.62
C PRO B 42 3.75 1.15 -0.82
N LEU B 43 4.57 1.69 -1.70
CA LEU B 43 4.19 1.85 -3.10
C LEU B 43 4.86 0.82 -4.01
N ALA B 44 5.51 -0.18 -3.43
CA ALA B 44 6.25 -1.17 -4.19
C ALA B 44 5.74 -2.60 -4.30
N GLN B 45 4.48 -2.83 -3.92
CA GLN B 45 3.93 -4.19 -3.95
C GLN B 45 2.99 -4.34 -5.15
N PHE B 46 3.08 -5.46 -5.85
CA PHE B 46 2.25 -5.70 -7.02
C PHE B 46 1.69 -7.08 -6.88
N GLU B 47 0.52 -7.29 -7.47
CA GLU B 47 -0.15 -8.57 -7.38
C GLU B 47 -0.31 -9.16 -8.75
N VAL B 48 -0.15 -10.47 -8.82
CA VAL B 48 -0.23 -11.20 -10.07
C VAL B 48 -1.50 -12.02 -10.14
N GLU B 49 -2.11 -11.99 -11.31
CA GLU B 49 -3.34 -12.73 -11.61
C GLU B 49 -3.13 -13.46 -12.93
N PRO B 50 -3.30 -14.79 -12.90
CA PRO B 50 -3.14 -15.60 -14.10
C PRO B 50 -4.18 -15.22 -15.16
N SER B 51 -3.78 -15.30 -16.43
CA SER B 51 -4.69 -15.01 -17.51
C SER B 51 -5.83 -16.00 -17.41
N LYS B 52 -7.01 -15.56 -17.80
CA LYS B 52 -8.16 -16.45 -17.77
C LYS B 52 -8.14 -17.45 -18.94
N THR B 53 -7.68 -17.02 -20.11
CA THR B 53 -7.68 -17.92 -21.27
C THR B 53 -6.33 -18.40 -21.79
N TYR B 54 -5.28 -17.66 -21.49
CA TYR B 54 -3.97 -18.00 -21.97
C TYR B 54 -3.07 -18.51 -20.90
N ASP B 55 -2.73 -19.78 -21.01
CA ASP B 55 -1.88 -20.44 -20.04
C ASP B 55 -0.51 -19.80 -20.09
N GLY B 56 0.04 -19.49 -18.92
CA GLY B 56 1.35 -18.89 -18.85
C GLY B 56 1.36 -17.38 -18.94
N LEU B 57 0.19 -16.78 -19.24
CA LEU B 57 0.08 -15.34 -19.33
C LEU B 57 -0.43 -14.80 -17.99
N VAL B 58 -0.13 -13.55 -17.71
CA VAL B 58 -0.43 -12.96 -16.41
C VAL B 58 -0.85 -11.49 -16.52
N HIS B 59 -1.63 -11.00 -15.55
CA HIS B 59 -2.02 -9.59 -15.45
C HIS B 59 -1.35 -9.12 -14.19
N ILE B 60 -0.97 -7.85 -14.12
CA ILE B 60 -0.31 -7.34 -12.95
C ILE B 60 -0.93 -6.03 -12.49
N LYS B 61 -1.17 -5.88 -11.18
CA LYS B 61 -1.74 -4.64 -10.69
C LYS B 61 -0.99 -4.08 -9.51
N SER B 62 -1.11 -2.78 -9.33
CA SER B 62 -0.48 -2.13 -8.20
C SER B 62 -1.36 -2.43 -6.99
N ARG B 63 -0.76 -2.88 -5.90
CA ARG B 63 -1.55 -3.16 -4.72
C ARG B 63 -2.17 -1.85 -4.19
N TYR B 64 -1.43 -0.76 -4.35
CA TYR B 64 -1.93 0.51 -3.87
C TYR B 64 -3.23 0.97 -4.56
N THR B 65 -3.17 1.21 -5.87
CA THR B 65 -4.36 1.67 -6.62
C THR B 65 -5.26 0.51 -6.90
N ASN B 66 -4.69 -0.69 -6.88
CA ASN B 66 -5.39 -1.94 -7.22
C ASN B 66 -5.79 -1.93 -8.69
N LYS B 67 -5.04 -1.20 -9.51
CA LYS B 67 -5.31 -1.12 -10.95
C LYS B 67 -4.25 -1.84 -11.79
N TYR B 68 -4.62 -2.27 -13.00
CA TYR B 68 -3.72 -3.03 -13.88
C TYR B 68 -2.67 -2.29 -14.67
N LEU B 69 -1.50 -2.91 -14.81
CA LEU B 69 -0.42 -2.29 -15.57
C LEU B 69 -0.90 -2.35 -17.03
N VAL B 70 -0.87 -1.20 -17.72
CA VAL B 70 -1.34 -1.07 -19.11
C VAL B 70 -0.49 0.02 -19.82
N ARG B 71 -0.52 0.06 -21.14
CA ARG B 71 0.23 1.09 -21.87
C ARG B 71 -0.41 2.44 -21.55
N TRP B 72 0.38 3.49 -21.46
CA TRP B 72 -0.15 4.82 -21.18
C TRP B 72 -1.22 5.26 -22.18
N SER B 73 -0.99 5.03 -23.46
CA SER B 73 -1.95 5.43 -24.47
C SER B 73 -1.65 4.65 -25.73
N PRO B 74 -2.44 4.85 -26.80
CA PRO B 74 -2.21 4.12 -28.05
C PRO B 74 -0.87 4.48 -28.70
N ASN B 75 -0.34 5.63 -28.31
CA ASN B 75 0.89 6.15 -28.87
C ASN B 75 2.16 5.90 -28.03
N HIS B 76 2.01 5.33 -26.82
CA HIS B 76 3.14 5.17 -25.90
C HIS B 76 3.48 3.76 -25.50
N TYR B 77 4.71 3.57 -25.05
CA TYR B 77 5.12 2.26 -24.59
C TYR B 77 5.37 2.31 -23.07
N TRP B 78 5.13 3.47 -22.45
CA TRP B 78 5.28 3.64 -20.99
C TRP B 78 4.16 2.85 -20.35
N ILE B 79 4.46 2.22 -19.23
CA ILE B 79 3.49 1.39 -18.51
C ILE B 79 2.98 2.12 -17.27
N THR B 80 1.66 2.20 -17.18
CA THR B 80 0.97 2.89 -16.08
C THR B 80 0.08 1.87 -15.34
N ALA B 81 -0.01 2.01 -14.01
CA ALA B 81 -0.83 1.10 -13.20
C ALA B 81 -2.16 1.83 -13.02
N SER B 82 -2.98 1.81 -14.06
CA SER B 82 -4.25 2.52 -14.09
C SER B 82 -5.39 1.86 -14.84
N ALA B 83 -5.23 0.64 -15.35
CA ALA B 83 -6.34 0.02 -16.04
C ALA B 83 -7.35 -0.39 -15.01
N ASN B 84 -8.62 -0.18 -15.31
CA ASN B 84 -9.67 -0.54 -14.37
C ASN B 84 -9.86 -2.03 -14.38
N GLU B 85 -9.80 -2.63 -15.57
CA GLU B 85 -9.91 -4.06 -15.68
C GLU B 85 -8.97 -4.71 -16.67
N PRO B 86 -8.80 -6.01 -16.53
CA PRO B 86 -7.92 -6.74 -17.42
C PRO B 86 -8.50 -6.82 -18.82
N ASP B 87 -7.60 -6.86 -19.79
CA ASP B 87 -7.94 -6.96 -21.19
C ASP B 87 -7.09 -8.05 -21.84
N GLU B 88 -7.75 -9.10 -22.30
CA GLU B 88 -7.06 -10.24 -22.88
C GLU B 88 -6.99 -10.22 -24.39
N ASN B 89 -7.45 -9.14 -24.99
CA ASN B 89 -7.44 -9.00 -26.43
C ASN B 89 -6.02 -8.63 -26.87
N LYS B 90 -5.27 -9.62 -27.34
CA LYS B 90 -3.89 -9.40 -27.75
C LYS B 90 -3.68 -8.34 -28.79
N SER B 91 -4.75 -8.00 -29.50
CA SER B 91 -4.69 -6.99 -30.55
C SER B 91 -4.92 -5.57 -30.07
N ASN B 92 -5.55 -5.43 -28.92
CA ASN B 92 -5.85 -4.10 -28.40
C ASN B 92 -4.64 -3.47 -27.70
N TRP B 93 -4.40 -2.18 -27.98
CA TRP B 93 -3.27 -1.49 -27.38
C TRP B 93 -3.31 -1.54 -25.84
N ALA B 94 -4.51 -1.65 -25.29
CA ALA B 94 -4.69 -1.67 -23.84
C ALA B 94 -4.67 -3.04 -23.23
N CYS B 95 -4.16 -4.01 -23.99
CA CYS B 95 -4.03 -5.38 -23.52
C CYS B 95 -3.18 -5.37 -22.25
N THR B 96 -3.65 -6.05 -21.22
CA THR B 96 -2.90 -6.06 -19.96
C THR B 96 -2.07 -7.33 -19.72
N LEU B 97 -2.05 -8.24 -20.69
CA LEU B 97 -1.29 -9.48 -20.58
C LEU B 97 0.22 -9.30 -20.68
N PHE B 98 0.92 -9.99 -19.77
CA PHE B 98 2.37 -9.98 -19.68
C PHE B 98 2.85 -11.43 -19.63
N LYS B 99 4.00 -11.70 -20.23
CA LYS B 99 4.60 -13.02 -20.22
C LYS B 99 5.93 -13.05 -19.44
N PRO B 100 5.95 -13.70 -18.26
CA PRO B 100 7.21 -13.73 -17.54
C PRO B 100 8.12 -14.70 -18.26
N LEU B 101 9.35 -14.28 -18.49
CA LEU B 101 10.33 -15.13 -19.17
C LEU B 101 11.51 -15.31 -18.21
N TYR B 102 11.63 -16.50 -17.65
CA TYR B 102 12.72 -16.80 -16.73
C TYR B 102 14.06 -16.89 -17.45
N VAL B 103 15.01 -16.09 -16.99
CA VAL B 103 16.35 -16.01 -17.56
C VAL B 103 17.07 -17.36 -17.42
N GLU B 104 17.04 -17.94 -16.22
CA GLU B 104 17.69 -19.21 -15.98
C GLU B 104 16.61 -20.26 -15.77
N GLU B 105 16.59 -21.26 -16.63
CA GLU B 105 15.60 -22.32 -16.57
C GLU B 105 15.59 -22.96 -15.18
N GLY B 106 14.45 -22.88 -14.49
CA GLY B 106 14.36 -23.44 -13.15
C GLY B 106 14.42 -22.41 -12.02
N ASN B 107 15.07 -21.29 -12.27
CA ASN B 107 15.18 -20.21 -11.28
C ASN B 107 14.01 -19.24 -11.50
N MET B 108 13.02 -19.29 -10.62
CA MET B 108 11.84 -18.45 -10.76
C MET B 108 12.05 -17.04 -10.17
N LYS B 109 13.29 -16.66 -9.89
CA LYS B 109 13.56 -15.36 -9.30
C LYS B 109 14.13 -14.27 -10.19
N LYS B 110 14.65 -14.63 -11.36
CA LYS B 110 15.24 -13.66 -12.28
C LYS B 110 14.30 -13.74 -13.46
N VAL B 111 13.80 -12.60 -13.90
CA VAL B 111 12.84 -12.64 -14.99
C VAL B 111 12.89 -11.42 -15.93
N ARG B 112 12.24 -11.59 -17.07
CA ARG B 112 12.04 -10.53 -18.07
C ARG B 112 10.54 -10.55 -18.22
N LEU B 113 9.92 -9.39 -18.35
CA LEU B 113 8.47 -9.33 -18.50
C LEU B 113 8.21 -8.88 -19.91
N LEU B 114 7.59 -9.75 -20.69
CA LEU B 114 7.27 -9.41 -22.07
C LEU B 114 5.83 -8.86 -22.16
N HIS B 115 5.68 -7.63 -22.66
CA HIS B 115 4.35 -7.03 -22.87
C HIS B 115 3.81 -7.81 -24.08
N VAL B 116 2.77 -8.60 -23.88
CA VAL B 116 2.26 -9.43 -24.93
C VAL B 116 1.77 -8.79 -26.21
N GLN B 117 0.96 -7.74 -26.11
CA GLN B 117 0.44 -7.08 -27.31
C GLN B 117 1.56 -6.52 -28.17
N LEU B 118 2.46 -5.79 -27.54
CA LEU B 118 3.55 -5.17 -28.25
C LEU B 118 4.58 -6.21 -28.68
N GLY B 119 4.74 -7.28 -27.90
CA GLY B 119 5.77 -8.26 -28.19
C GLY B 119 7.13 -7.69 -27.79
N HIS B 120 7.12 -6.71 -26.89
CA HIS B 120 8.32 -6.04 -26.43
C HIS B 120 8.66 -6.42 -24.98
N TYR B 121 9.93 -6.31 -24.61
CA TYR B 121 10.39 -6.60 -23.26
C TYR B 121 10.32 -5.27 -22.53
N THR B 122 10.03 -5.32 -21.24
CA THR B 122 9.96 -4.09 -20.45
C THR B 122 11.34 -3.84 -19.89
N GLN B 123 11.70 -2.56 -19.77
CA GLN B 123 13.01 -2.17 -19.27
C GLN B 123 12.93 -1.08 -18.23
N ASN B 124 14.00 -0.94 -17.46
CA ASN B 124 14.16 0.13 -16.48
C ASN B 124 14.72 1.18 -17.45
N TYR B 125 13.82 1.97 -18.04
CA TYR B 125 14.16 2.93 -19.06
C TYR B 125 14.34 4.40 -18.73
N THR B 126 15.34 5.02 -19.31
CA THR B 126 15.59 6.44 -19.09
C THR B 126 15.74 7.19 -20.40
N VAL B 127 15.02 8.31 -20.52
CA VAL B 127 15.08 9.14 -21.71
C VAL B 127 15.48 10.53 -21.23
N GLY B 128 16.41 10.54 -20.29
CA GLY B 128 16.91 11.79 -19.71
C GLY B 128 15.80 12.69 -19.22
N GLY B 129 16.19 13.88 -18.79
CA GLY B 129 15.22 14.85 -18.30
C GLY B 129 14.37 14.34 -17.15
N SER B 130 13.06 14.29 -17.38
CA SER B 130 12.14 13.86 -16.36
C SER B 130 11.83 12.35 -16.38
N PHE B 131 11.92 11.72 -17.55
CA PHE B 131 11.65 10.31 -17.65
C PHE B 131 12.87 9.48 -17.29
N VAL B 132 13.11 9.36 -16.00
CA VAL B 132 14.26 8.60 -15.55
C VAL B 132 13.89 7.30 -14.81
N SER B 133 14.36 6.19 -15.33
CA SER B 133 14.11 4.91 -14.71
C SER B 133 12.63 4.55 -14.58
N TYR B 134 11.91 4.53 -15.70
CA TYR B 134 10.50 4.19 -15.73
C TYR B 134 10.32 2.92 -16.55
N LEU B 135 9.36 2.09 -16.19
CA LEU B 135 9.11 0.85 -16.93
C LEU B 135 8.61 1.22 -18.35
N PHE B 136 9.29 0.73 -19.39
CA PHE B 136 8.98 1.07 -20.79
C PHE B 136 9.14 -0.21 -21.60
N ALA B 137 8.16 -0.54 -22.44
CA ALA B 137 8.23 -1.75 -23.27
C ALA B 137 8.97 -1.38 -24.55
N GLU B 138 10.30 -1.39 -24.49
CA GLU B 138 11.16 -0.94 -25.57
C GLU B 138 11.14 -1.61 -26.94
N SER B 139 11.46 -2.89 -27.01
CA SER B 139 11.48 -3.57 -28.29
C SER B 139 11.49 -5.06 -28.09
N SER B 140 11.56 -5.79 -29.21
CA SER B 140 11.60 -7.24 -29.18
C SER B 140 13.02 -7.75 -28.98
N GLN B 141 13.96 -6.86 -28.73
CA GLN B 141 15.35 -7.24 -28.54
C GLN B 141 15.77 -7.24 -27.07
N ILE B 142 16.52 -8.27 -26.68
CA ILE B 142 17.08 -8.43 -25.35
C ILE B 142 17.98 -7.25 -25.18
N ASP B 143 18.07 -6.67 -23.98
CA ASP B 143 18.93 -5.51 -23.76
C ASP B 143 20.38 -5.85 -23.48
N THR B 144 21.28 -5.14 -24.14
CA THR B 144 22.73 -5.32 -23.98
C THR B 144 23.13 -5.11 -22.53
N GLY B 145 22.59 -4.04 -21.93
CA GLY B 145 22.91 -3.70 -20.56
C GLY B 145 22.07 -4.35 -19.47
N SER B 146 21.23 -5.29 -19.83
CA SER B 146 20.39 -5.98 -18.86
C SER B 146 19.45 -5.04 -18.05
N LYS B 147 18.86 -4.06 -18.72
CA LYS B 147 17.95 -3.16 -18.06
C LYS B 147 16.54 -3.76 -18.08
N ASP B 148 16.41 -4.93 -18.71
CA ASP B 148 15.15 -5.67 -18.79
C ASP B 148 15.14 -6.89 -17.86
N VAL B 149 16.15 -7.02 -17.04
CA VAL B 149 16.21 -8.15 -16.13
C VAL B 149 15.83 -7.68 -14.74
N PHE B 150 14.85 -8.38 -14.16
CA PHE B 150 14.36 -8.06 -12.82
C PHE B 150 14.48 -9.25 -11.86
N HIS B 151 14.64 -8.89 -10.58
CA HIS B 151 14.71 -9.86 -9.50
C HIS B 151 13.34 -9.80 -8.84
N VAL B 152 12.67 -10.93 -8.78
CA VAL B 152 11.34 -11.05 -8.22
C VAL B 152 11.47 -11.43 -6.76
N ILE B 153 10.80 -10.72 -5.88
CA ILE B 153 10.84 -11.03 -4.47
C ILE B 153 9.42 -11.20 -3.99
N ASP B 154 9.16 -12.30 -3.31
CA ASP B 154 7.85 -12.63 -2.77
C ASP B 154 7.64 -11.76 -1.53
N TRP B 155 6.55 -10.98 -1.53
CA TRP B 155 6.26 -10.07 -0.43
C TRP B 155 6.02 -10.73 0.94
N LYS B 156 5.41 -11.89 0.92
CA LYS B 156 5.11 -12.56 2.16
C LYS B 156 6.35 -13.06 2.88
N SER B 157 7.39 -13.39 2.12
CA SER B 157 8.62 -13.96 2.68
C SER B 157 9.46 -13.04 3.56
N ILE B 158 9.23 -11.73 3.48
CA ILE B 158 10.02 -10.82 4.29
C ILE B 158 9.61 -10.89 5.78
N PHE B 159 8.41 -11.44 6.03
CA PHE B 159 7.86 -11.60 7.38
C PHE B 159 7.95 -13.06 7.79
N GLN B 160 8.77 -13.82 7.06
CA GLN B 160 8.98 -15.23 7.34
C GLN B 160 10.42 -15.43 7.77
N PHE B 161 10.63 -16.33 8.72
CA PHE B 161 11.96 -16.58 9.27
C PHE B 161 12.39 -18.00 9.00
N PRO B 162 13.72 -18.25 9.05
CA PRO B 162 14.28 -19.58 8.82
C PRO B 162 13.73 -20.62 9.77
N LYS B 163 13.42 -21.80 9.24
CA LYS B 163 12.95 -22.90 10.08
C LYS B 163 14.25 -23.55 10.58
N GLY B 164 14.17 -24.50 11.51
CA GLY B 164 15.42 -25.12 11.98
C GLY B 164 16.31 -24.15 12.74
N TYR B 165 17.58 -24.51 12.94
CA TYR B 165 18.53 -23.70 13.71
C TYR B 165 18.97 -22.37 13.17
N VAL B 166 19.05 -21.40 14.06
CA VAL B 166 19.48 -20.07 13.72
C VAL B 166 20.09 -19.45 14.98
N THR B 167 20.82 -18.38 14.80
CA THR B 167 21.35 -17.67 15.91
C THR B 167 21.06 -16.21 15.62
N PHE B 168 21.53 -15.33 16.48
CA PHE B 168 21.28 -13.90 16.32
C PHE B 168 22.57 -13.19 16.58
N LYS B 169 22.88 -12.21 15.74
CA LYS B 169 24.11 -11.47 15.89
C LYS B 169 23.80 -10.07 16.37
N GLY B 170 24.40 -9.67 17.48
CA GLY B 170 24.16 -8.35 18.02
C GLY B 170 25.00 -7.29 17.31
N ASN B 171 24.86 -6.04 17.75
CA ASN B 171 25.60 -4.94 17.14
C ASN B 171 27.03 -4.89 17.68
N ASN B 172 27.39 -5.87 18.50
CA ASN B 172 28.73 -5.94 19.04
C ASN B 172 29.42 -7.08 18.31
N GLY B 173 28.89 -7.48 17.16
CA GLY B 173 29.49 -8.56 16.40
C GLY B 173 29.40 -9.96 16.98
N LYS B 174 28.80 -10.12 18.15
CA LYS B 174 28.69 -11.44 18.79
C LYS B 174 27.36 -12.19 18.60
N TYR B 175 27.43 -13.53 18.70
CA TYR B 175 26.26 -14.41 18.59
C TYR B 175 25.58 -14.59 19.95
N LEU B 176 24.26 -14.76 19.91
CA LEU B 176 23.49 -14.91 21.12
C LEU B 176 23.43 -16.35 21.55
N GLY B 177 23.93 -16.60 22.76
CA GLY B 177 23.92 -17.95 23.31
C GLY B 177 23.53 -17.98 24.78
N VAL B 178 23.18 -19.18 25.24
CA VAL B 178 22.77 -19.41 26.62
C VAL B 178 23.95 -19.30 27.59
N ILE B 179 23.68 -18.73 28.75
CA ILE B 179 24.71 -18.59 29.77
C ILE B 179 24.08 -18.45 31.15
N THR B 180 24.58 -19.22 32.10
CA THR B 180 24.08 -19.19 33.46
C THR B 180 24.81 -18.11 34.26
N ILE B 181 24.09 -17.08 34.68
CA ILE B 181 24.67 -16.01 35.47
C ILE B 181 23.85 -15.90 36.74
N ASN B 182 24.49 -16.19 37.87
CA ASN B 182 23.85 -16.14 39.19
C ASN B 182 22.68 -17.10 39.33
N GLN B 183 22.77 -18.26 38.67
CA GLN B 183 21.71 -19.28 38.70
C GLN B 183 20.63 -19.02 37.64
N LEU B 184 20.64 -17.84 37.04
CA LEU B 184 19.66 -17.51 36.03
C LEU B 184 20.17 -17.86 34.65
N PRO B 185 19.41 -18.67 33.92
CA PRO B 185 19.78 -19.08 32.57
C PRO B 185 19.48 -17.93 31.58
N CYS B 186 20.47 -17.06 31.36
CA CYS B 186 20.37 -15.88 30.49
C CYS B 186 20.80 -16.14 29.03
N LEU B 187 20.74 -15.07 28.23
CA LEU B 187 21.12 -15.09 26.83
C LEU B 187 22.10 -13.93 26.70
N GLN B 188 23.30 -14.21 26.24
CA GLN B 188 24.30 -13.17 26.16
C GLN B 188 24.94 -13.09 24.80
N PHE B 189 25.21 -11.89 24.33
CA PHE B 189 25.89 -11.73 23.04
C PHE B 189 27.40 -11.79 23.33
N GLY B 190 27.94 -12.99 23.41
CA GLY B 190 29.35 -13.12 23.71
C GLY B 190 30.05 -14.34 23.12
N TYR B 191 29.51 -14.94 22.06
CA TYR B 191 30.13 -16.10 21.41
C TYR B 191 30.61 -15.74 20.01
N ASP B 192 31.72 -16.32 19.57
CA ASP B 192 32.23 -16.05 18.22
C ASP B 192 32.09 -17.28 17.36
N ASN B 193 31.60 -18.37 17.95
CA ASN B 193 31.52 -19.62 17.21
C ASN B 193 30.10 -20.09 16.96
N LEU B 194 29.70 -20.05 15.70
CA LEU B 194 28.38 -20.49 15.28
C LEU B 194 28.18 -21.98 15.47
N ASN B 195 29.27 -22.70 15.69
CA ASN B 195 29.17 -24.14 15.89
C ASN B 195 28.96 -24.55 17.34
N ASP B 196 28.92 -23.56 18.22
CA ASP B 196 28.71 -23.78 19.64
C ASP B 196 27.22 -24.14 19.83
N PRO B 197 26.94 -25.31 20.42
CA PRO B 197 25.54 -25.70 20.62
C PRO B 197 24.71 -24.75 21.48
N LYS B 198 25.37 -23.95 22.30
CA LYS B 198 24.65 -23.02 23.16
C LYS B 198 24.07 -21.83 22.41
N VAL B 199 24.65 -21.56 21.24
CA VAL B 199 24.31 -20.42 20.38
C VAL B 199 23.10 -20.70 19.46
N ALA B 200 22.63 -21.96 19.44
CA ALA B 200 21.51 -22.42 18.60
C ALA B 200 20.08 -22.28 19.17
N HIS B 201 19.17 -21.75 18.34
CA HIS B 201 17.76 -21.54 18.71
C HIS B 201 16.86 -21.94 17.55
N GLN B 202 15.56 -21.95 17.81
CA GLN B 202 14.55 -22.27 16.81
C GLN B 202 13.39 -21.27 17.00
N MET B 203 12.89 -20.70 15.91
CA MET B 203 11.78 -19.74 15.97
C MET B 203 10.51 -20.33 15.44
N PHE B 204 9.41 -20.03 16.11
CA PHE B 204 8.13 -20.51 15.67
C PHE B 204 7.18 -19.30 15.51
N VAL B 205 6.59 -19.16 14.33
CA VAL B 205 5.65 -18.07 14.09
C VAL B 205 4.27 -18.70 14.23
N THR B 206 3.35 -18.05 14.91
CA THR B 206 2.04 -18.66 15.04
C THR B 206 1.12 -17.98 14.03
N SER B 207 -0.09 -18.51 13.86
CA SER B 207 -1.05 -17.92 12.93
C SER B 207 -1.46 -16.51 13.33
N ASN B 208 -1.28 -16.15 14.60
CA ASN B 208 -1.65 -14.83 15.05
C ASN B 208 -0.54 -13.78 14.89
N GLY B 209 0.61 -14.22 14.42
CA GLY B 209 1.70 -13.30 14.23
C GLY B 209 2.76 -13.28 15.32
N THR B 210 2.40 -13.73 16.54
CA THR B 210 3.39 -13.75 17.64
C THR B 210 4.41 -14.84 17.33
N ILE B 211 5.59 -14.69 17.90
CA ILE B 211 6.69 -15.61 17.71
C ILE B 211 7.13 -16.05 19.10
N CYS B 212 7.55 -17.31 19.20
CA CYS B 212 8.11 -17.84 20.44
C CYS B 212 9.41 -18.54 19.99
N ILE B 213 10.47 -18.34 20.76
CA ILE B 213 11.80 -18.86 20.47
C ILE B 213 12.28 -19.87 21.53
N LYS B 214 12.75 -21.00 21.05
CA LYS B 214 13.24 -22.07 21.90
C LYS B 214 14.77 -22.13 21.80
N SER B 215 15.44 -22.26 22.94
CA SER B 215 16.89 -22.42 22.94
C SER B 215 17.08 -23.91 22.75
N ASN B 216 17.82 -24.28 21.73
CA ASN B 216 18.08 -25.66 21.45
C ASN B 216 18.82 -26.40 22.52
N TYR B 217 19.77 -25.70 23.10
CA TYR B 217 20.62 -26.23 24.13
C TYR B 217 19.85 -26.63 25.37
N MET B 218 19.06 -25.69 25.89
CA MET B 218 18.28 -25.93 27.10
C MET B 218 16.97 -26.62 26.81
N ASN B 219 16.44 -26.41 25.61
CA ASN B 219 15.15 -26.95 25.22
C ASN B 219 14.09 -26.21 26.03
N LYS B 220 14.29 -24.91 26.19
CA LYS B 220 13.37 -24.06 26.93
C LYS B 220 13.11 -22.81 26.10
N PHE B 221 11.93 -22.22 26.25
CA PHE B 221 11.60 -21.02 25.51
C PHE B 221 12.06 -19.79 26.24
N TRP B 222 12.34 -18.75 25.48
CA TRP B 222 12.76 -17.46 26.01
C TRP B 222 11.56 -16.91 26.74
N ARG B 223 11.81 -16.17 27.81
CA ARG B 223 10.71 -15.63 28.60
C ARG B 223 11.17 -14.44 29.41
N LEU B 224 10.44 -13.34 29.35
CA LEU B 224 10.81 -12.19 30.14
C LEU B 224 10.51 -12.63 31.59
N SER B 225 11.44 -12.35 32.48
CA SER B 225 11.24 -12.74 33.86
C SER B 225 11.94 -11.73 34.77
N THR B 226 12.77 -12.24 35.69
CA THR B 226 13.52 -11.44 36.66
C THR B 226 14.25 -10.20 36.10
N ASP B 227 13.93 -9.01 36.61
CA ASP B 227 14.59 -7.77 36.19
C ASP B 227 14.55 -7.48 34.68
N ASP B 228 13.49 -7.93 34.04
CA ASP B 228 13.26 -7.74 32.61
C ASP B 228 14.25 -8.47 31.71
N TRP B 229 15.12 -9.29 32.32
CA TRP B 229 16.05 -10.07 31.53
C TRP B 229 15.20 -11.14 30.86
N ILE B 230 15.67 -11.59 29.70
CA ILE B 230 15.01 -12.64 28.97
C ILE B 230 15.73 -13.92 29.42
N LEU B 231 15.03 -14.78 30.15
CA LEU B 231 15.60 -16.02 30.64
C LEU B 231 15.16 -17.16 29.75
N VAL B 232 15.87 -18.27 29.81
CA VAL B 232 15.54 -19.43 29.01
C VAL B 232 14.98 -20.48 29.97
N ASP B 233 13.72 -20.32 30.39
CA ASP B 233 13.11 -21.25 31.32
C ASP B 233 11.64 -21.50 31.05
N GLY B 234 11.16 -21.00 29.92
CA GLY B 234 9.75 -21.11 29.66
C GLY B 234 9.19 -22.34 29.03
N ASN B 235 7.93 -22.59 29.37
CA ASN B 235 7.18 -23.70 28.79
C ASN B 235 6.67 -23.08 27.47
N ASP B 236 6.22 -23.93 26.56
CA ASP B 236 5.73 -23.51 25.25
C ASP B 236 4.56 -22.55 25.39
N PRO B 237 4.73 -21.28 25.00
CA PRO B 237 3.62 -20.34 25.13
C PRO B 237 2.47 -20.65 24.19
N ARG B 238 2.73 -21.49 23.19
CA ARG B 238 1.68 -21.85 22.27
C ARG B 238 0.66 -22.64 23.05
N GLU B 239 1.06 -23.08 24.24
CA GLU B 239 0.15 -23.79 25.11
C GLU B 239 -0.17 -23.04 26.38
N THR B 240 0.78 -22.29 26.91
CA THR B 240 0.51 -21.55 28.13
C THR B 240 -0.13 -20.19 27.84
N ASN B 241 -0.01 -19.70 26.60
CA ASN B 241 -0.53 -18.39 26.22
C ASN B 241 0.05 -17.30 27.09
N GLU B 242 1.25 -17.52 27.62
CA GLU B 242 1.90 -16.55 28.47
C GLU B 242 2.55 -15.43 27.66
N ALA B 243 2.09 -14.19 27.86
CA ALA B 243 2.61 -13.03 27.13
C ALA B 243 4.11 -12.81 27.25
N ALA B 244 4.69 -13.19 28.38
CA ALA B 244 6.10 -12.97 28.60
C ALA B 244 6.98 -13.82 27.69
N ALA B 245 6.42 -14.90 27.17
CA ALA B 245 7.15 -15.81 26.28
C ALA B 245 6.77 -15.61 24.79
N LEU B 246 6.12 -14.50 24.47
CA LEU B 246 5.69 -14.23 23.11
C LEU B 246 6.33 -12.93 22.66
N PHE B 247 6.71 -12.85 21.38
CA PHE B 247 7.34 -11.63 20.82
C PHE B 247 6.70 -11.31 19.48
N ARG B 248 6.68 -10.03 19.10
CA ARG B 248 6.17 -9.66 17.76
C ARG B 248 7.33 -9.00 17.06
N SER B 249 7.51 -9.23 15.77
CA SER B 249 8.64 -8.61 15.09
C SER B 249 8.41 -7.33 14.30
N ASP B 250 9.45 -6.51 14.26
CA ASP B 250 9.48 -5.30 13.47
C ASP B 250 10.62 -5.63 12.51
N VAL B 251 10.27 -5.99 11.28
CA VAL B 251 11.23 -6.32 10.25
C VAL B 251 11.83 -5.08 9.59
N HIS B 252 13.17 -5.01 9.53
CA HIS B 252 13.92 -3.90 8.94
C HIS B 252 14.38 -4.26 7.52
N ASP B 253 14.69 -5.52 7.33
CA ASP B 253 15.10 -6.01 6.03
C ASP B 253 15.18 -7.50 6.21
N PHE B 254 15.47 -8.20 5.13
CA PHE B 254 15.61 -9.63 5.17
C PHE B 254 16.54 -10.07 6.29
N ASN B 255 15.98 -10.78 7.25
CA ASN B 255 16.72 -11.31 8.37
C ASN B 255 17.36 -10.30 9.30
N VAL B 256 16.78 -9.09 9.35
CA VAL B 256 17.25 -8.04 10.24
C VAL B 256 15.96 -7.57 10.90
N ILE B 257 15.81 -7.85 12.19
CA ILE B 257 14.57 -7.52 12.90
C ILE B 257 14.80 -7.00 14.29
N SER B 258 13.73 -6.53 14.92
CA SER B 258 13.77 -6.12 16.33
C SER B 258 12.60 -6.90 16.89
N LEU B 259 12.68 -7.33 18.14
CA LEU B 259 11.58 -8.10 18.72
C LEU B 259 11.01 -7.36 19.94
N LEU B 260 9.68 -7.31 20.03
CA LEU B 260 8.98 -6.68 21.14
C LEU B 260 8.46 -7.80 22.04
N ASN B 261 8.80 -7.77 23.33
CA ASN B 261 8.31 -8.79 24.25
C ASN B 261 6.85 -8.42 24.53
N MET B 262 5.92 -9.36 24.43
CA MET B 262 4.50 -9.01 24.64
C MET B 262 4.03 -8.76 26.08
N GLN B 263 4.89 -9.04 27.06
CA GLN B 263 4.56 -8.81 28.45
C GLN B 263 4.88 -7.35 28.75
N LYS B 264 6.11 -6.94 28.54
CA LYS B 264 6.46 -5.56 28.81
C LYS B 264 6.12 -4.57 27.66
N THR B 265 5.93 -5.12 26.46
CA THR B 265 5.69 -4.34 25.24
C THR B 265 6.84 -3.38 24.99
N TRP B 266 8.05 -3.85 25.27
CA TRP B 266 9.29 -3.11 25.01
C TRP B 266 10.18 -4.03 24.20
N PHE B 267 11.05 -3.44 23.40
CA PHE B 267 11.96 -4.19 22.56
C PHE B 267 13.08 -4.79 23.39
N ILE B 268 13.54 -5.99 22.99
CA ILE B 268 14.64 -6.66 23.66
C ILE B 268 15.94 -6.16 23.03
N LYS B 269 16.97 -5.98 23.85
CA LYS B 269 18.23 -5.47 23.35
C LYS B 269 19.40 -5.97 24.19
N ARG B 270 20.59 -5.89 23.60
CA ARG B 270 21.84 -6.26 24.25
C ARG B 270 21.89 -5.24 25.38
N PHE B 271 22.11 -5.69 26.59
CA PHE B 271 22.08 -4.78 27.72
C PHE B 271 23.06 -5.13 28.84
N THR B 272 23.62 -4.09 29.46
CA THR B 272 24.55 -4.23 30.57
C THR B 272 23.94 -3.43 31.73
N SER B 273 23.45 -4.13 32.76
CA SER B 273 22.78 -3.49 33.90
C SER B 273 23.66 -2.76 34.89
N GLY B 274 24.81 -3.36 35.20
CA GLY B 274 25.68 -2.77 36.19
C GLY B 274 25.88 -3.85 37.22
N LYS B 275 24.84 -4.65 37.46
CA LYS B 275 24.98 -5.76 38.39
C LYS B 275 26.06 -6.61 37.76
N PRO B 276 27.06 -7.01 38.55
CA PRO B 276 28.19 -7.83 38.09
C PRO B 276 27.74 -9.13 37.42
N GLY B 277 28.37 -9.43 36.28
CA GLY B 277 28.06 -10.64 35.54
C GLY B 277 27.10 -10.39 34.40
N PHE B 278 26.07 -9.59 34.65
CA PHE B 278 25.06 -9.28 33.66
C PHE B 278 25.56 -8.24 32.66
N ILE B 279 26.41 -8.69 31.75
CA ILE B 279 26.99 -7.86 30.72
C ILE B 279 26.51 -8.38 29.38
N ASN B 280 26.06 -7.49 28.49
CA ASN B 280 25.58 -7.85 27.15
C ASN B 280 24.55 -8.95 27.12
N CYS B 281 23.62 -8.88 28.07
CA CYS B 281 22.56 -9.86 28.17
C CYS B 281 21.28 -9.27 27.57
N MET B 282 20.41 -10.14 27.06
CA MET B 282 19.16 -9.72 26.47
C MET B 282 18.21 -9.24 27.56
N ASN B 283 17.77 -7.99 27.43
CA ASN B 283 16.85 -7.40 28.40
C ASN B 283 15.85 -6.52 27.64
N ALA B 284 14.59 -6.52 28.08
CA ALA B 284 13.55 -5.70 27.44
C ALA B 284 13.74 -4.34 28.06
N ALA B 285 14.66 -3.58 27.49
CA ALA B 285 15.01 -2.31 28.08
C ALA B 285 14.88 -1.09 27.23
N THR B 286 14.24 -1.22 26.08
CA THR B 286 14.08 -0.07 25.23
C THR B 286 12.67 -0.05 24.67
N GLN B 287 12.03 1.11 24.84
CA GLN B 287 10.68 1.35 24.39
C GLN B 287 10.57 1.35 22.87
N ASN B 288 11.46 2.08 22.21
CA ASN B 288 11.52 2.15 20.75
C ASN B 288 12.84 1.53 20.27
N VAL B 289 12.90 1.13 19.00
CA VAL B 289 14.11 0.49 18.48
C VAL B 289 15.33 1.37 18.58
N ASP B 290 16.43 0.78 19.04
CA ASP B 290 17.71 1.48 19.09
C ASP B 290 18.71 0.54 18.41
N GLU B 291 19.95 0.98 18.26
CA GLU B 291 20.98 0.16 17.63
C GLU B 291 21.14 -1.20 18.31
N THR B 292 21.06 -1.21 19.63
CA THR B 292 21.20 -2.43 20.37
C THR B 292 20.04 -3.41 20.22
N ALA B 293 18.89 -2.90 19.75
CA ALA B 293 17.70 -3.72 19.56
C ALA B 293 17.64 -4.33 18.18
N ILE B 294 18.66 -4.07 17.37
CA ILE B 294 18.69 -4.60 16.02
C ILE B 294 19.42 -5.94 16.01
N LEU B 295 18.74 -6.97 15.52
CA LEU B 295 19.29 -8.31 15.50
C LEU B 295 19.37 -8.86 14.10
N GLU B 296 20.47 -9.55 13.81
CA GLU B 296 20.63 -10.19 12.52
C GLU B 296 20.43 -11.69 12.70
N ILE B 297 19.48 -12.24 11.97
CA ILE B 297 19.19 -13.65 12.03
C ILE B 297 20.20 -14.39 11.14
N ILE B 298 20.99 -15.28 11.74
CA ILE B 298 21.98 -16.06 10.98
C ILE B 298 21.50 -17.51 11.03
N GLU B 299 21.20 -18.09 9.88
CA GLU B 299 20.71 -19.46 9.83
C GLU B 299 21.85 -20.46 9.96
N LEU B 300 21.58 -21.52 10.70
CA LEU B 300 22.56 -22.56 10.94
C LEU B 300 22.08 -23.80 10.18
#